data_8QUX
#
_entry.id   8QUX
#
_cell.length_a   90.392
_cell.length_b   90.392
_cell.length_c   56.618
_cell.angle_alpha   90.00
_cell.angle_beta   90.00
_cell.angle_gamma   120.00
#
_symmetry.space_group_name_H-M   'P 6'
#
loop_
_entity.id
_entity.type
_entity.pdbx_description
1 polymer 'Spacer peptide 1'
2 non-polymer 1,2-ETHANEDIOL
3 non-polymer 4-benzyl-3,4-dihydroquinoxalin-2(1H)-one
4 water water
#
_entity_poly.entity_id   1
_entity_poly.type   'polypeptide(L)'
_entity_poly.pdbx_seq_one_letter_code
;PIVQNLQGQMVHQCISPRTLNAWVKVVEEKAFSPEVIPMFSALSCGATPQDLNTMLNTVGGHQAAMQMLKETINEEAAEW
DRLHPVHAGPIAPGQMREPRGSDIAGTTSTLQEQIGWMTHNPPIPVGEIYKRWIILGLNKIVRMYSPTSILDIRQGPKEP
FRDYVDRFYKTLRAEQASQEVKNAATETLLVQNANPDCKTILKALGPGATLEEMMTACQGVGGPGHKARVL
;
_entity_poly.pdbx_strand_id   A
#
# COMPACT_ATOMS: atom_id res chain seq x y z
N PRO A 1 -9.87 -2.13 -17.00
CA PRO A 1 -10.59 -2.71 -15.85
C PRO A 1 -11.93 -3.37 -16.24
N ILE A 2 -12.68 -3.82 -15.25
CA ILE A 2 -14.07 -4.30 -15.41
C ILE A 2 -14.98 -3.25 -14.79
N VAL A 3 -15.95 -2.72 -15.56
CA VAL A 3 -16.91 -1.68 -15.10
C VAL A 3 -18.34 -2.07 -15.52
N GLN A 4 -19.33 -1.35 -14.96
CA GLN A 4 -20.78 -1.54 -15.23
C GLN A 4 -21.23 -0.82 -16.52
N ASN A 5 -22.33 -1.34 -17.09
CA ASN A 5 -23.27 -0.82 -18.13
C ASN A 5 -23.50 -1.90 -19.20
N GLN A 9 -24.55 -3.99 -16.74
CA GLN A 9 -23.79 -5.27 -16.70
C GLN A 9 -22.27 -5.02 -16.69
N MET A 10 -21.50 -6.05 -16.36
CA MET A 10 -20.05 -5.97 -16.04
C MET A 10 -19.21 -6.36 -17.27
N VAL A 11 -18.41 -5.40 -17.75
CA VAL A 11 -17.67 -5.55 -19.05
C VAL A 11 -16.26 -5.02 -18.90
N HIS A 12 -15.35 -5.54 -19.73
CA HIS A 12 -13.93 -5.11 -19.80
C HIS A 12 -13.88 -3.75 -20.49
N GLN A 13 -13.06 -2.84 -19.95
CA GLN A 13 -12.71 -1.53 -20.53
C GLN A 13 -11.19 -1.41 -20.55
N CYS A 14 -10.67 -0.81 -21.60
CA CYS A 14 -9.24 -0.45 -21.75
C CYS A 14 -8.87 0.46 -20.58
N ILE A 15 -7.71 0.20 -20.01
CA ILE A 15 -7.06 1.14 -19.08
C ILE A 15 -6.81 2.43 -19.86
N SER A 16 -7.13 3.57 -19.25
CA SER A 16 -7.15 4.88 -19.93
C SER A 16 -5.73 5.45 -19.95
N PRO A 17 -5.40 6.22 -21.01
CA PRO A 17 -4.17 7.00 -21.04
C PRO A 17 -4.01 7.86 -19.77
N ARG A 18 -5.10 8.44 -19.28
CA ARG A 18 -5.07 9.29 -18.05
C ARG A 18 -4.59 8.43 -16.90
N THR A 19 -5.12 7.21 -16.77
CA THR A 19 -4.78 6.30 -15.65
C THR A 19 -3.30 5.89 -15.74
N LEU A 20 -2.87 5.47 -16.93
CA LEU A 20 -1.49 4.99 -17.21
C LEU A 20 -0.50 6.09 -16.83
N ASN A 21 -0.83 7.31 -17.22
CA ASN A 21 0.07 8.48 -17.05
C ASN A 21 0.12 8.90 -15.58
N ALA A 22 -1.03 8.99 -14.88
CA ALA A 22 -1.10 9.31 -13.43
C ALA A 22 -0.17 8.37 -12.65
N TRP A 23 -0.25 7.05 -12.91
CA TRP A 23 0.54 6.07 -12.14
C TRP A 23 2.03 6.31 -12.37
N VAL A 24 2.43 6.45 -13.64
CA VAL A 24 3.86 6.65 -14.02
C VAL A 24 4.39 7.91 -13.34
N LYS A 25 3.60 8.99 -13.36
CA LYS A 25 4.01 10.32 -12.82
C LYS A 25 4.13 10.22 -11.31
N VAL A 26 3.17 9.62 -10.64
CA VAL A 26 3.20 9.55 -9.14
C VAL A 26 4.48 8.83 -8.72
N VAL A 27 4.88 7.76 -9.42
CA VAL A 27 6.09 6.99 -9.04
C VAL A 27 7.31 7.87 -9.33
N GLU A 28 7.29 8.64 -10.42
CA GLU A 28 8.40 9.53 -10.82
C GLU A 28 8.60 10.60 -9.76
N GLU A 29 7.50 11.17 -9.26
CA GLU A 29 7.51 12.28 -8.28
C GLU A 29 7.74 11.74 -6.86
N LYS A 30 7.10 10.62 -6.48
CA LYS A 30 6.99 10.21 -5.05
C LYS A 30 7.74 8.92 -4.71
N ALA A 31 8.28 8.19 -5.69
CA ALA A 31 8.95 6.88 -5.47
C ALA A 31 8.09 6.02 -4.52
N PHE A 32 8.63 5.56 -3.37
CA PHE A 32 7.91 4.64 -2.44
C PHE A 32 7.62 5.31 -1.11
N SER A 33 7.38 6.62 -1.19
CA SER A 33 6.68 7.38 -0.14
C SER A 33 5.33 6.69 0.09
N PRO A 34 4.91 6.51 1.35
CA PRO A 34 3.73 5.72 1.66
C PRO A 34 2.47 6.12 0.90
N GLU A 35 2.25 7.42 0.66
CA GLU A 35 1.00 7.87 0.01
C GLU A 35 0.89 7.28 -1.40
N VAL A 36 1.98 6.74 -1.96
CA VAL A 36 1.93 6.17 -3.33
C VAL A 36 1.05 4.91 -3.31
N ILE A 37 0.97 4.20 -2.19
CA ILE A 37 0.24 2.88 -2.13
C ILE A 37 -1.26 3.12 -2.27
N PRO A 38 -1.92 3.97 -1.45
CA PRO A 38 -3.35 4.24 -1.61
C PRO A 38 -3.67 4.80 -3.00
N MET A 39 -2.74 5.54 -3.60
CA MET A 39 -2.89 6.09 -4.96
C MET A 39 -2.82 4.91 -5.94
N PHE A 40 -1.93 3.95 -5.70
CA PHE A 40 -1.86 2.76 -6.58
C PHE A 40 -3.20 2.02 -6.52
N SER A 41 -3.72 1.85 -5.31
CA SER A 41 -4.99 1.14 -5.08
C SER A 41 -6.14 1.80 -5.86
N ALA A 42 -6.19 3.13 -5.81
CA ALA A 42 -7.31 3.92 -6.34
C ALA A 42 -7.20 3.94 -7.87
N LEU A 43 -6.00 4.13 -8.40
CA LEU A 43 -5.77 4.09 -9.86
C LEU A 43 -6.07 2.70 -10.43
N SER A 44 -5.99 1.64 -9.62
CA SER A 44 -6.23 0.25 -10.07
C SER A 44 -7.66 -0.22 -9.71
N CYS A 45 -8.59 0.69 -9.43
CA CYS A 45 -10.01 0.38 -9.21
C CYS A 45 -10.57 -0.38 -10.43
N GLY A 46 -11.09 -1.60 -10.19
CA GLY A 46 -11.71 -2.48 -11.20
C GLY A 46 -10.68 -3.21 -12.07
N ALA A 47 -9.39 -3.13 -11.75
CA ALA A 47 -8.28 -3.68 -12.55
C ALA A 47 -8.38 -5.20 -12.61
N THR A 48 -8.12 -5.75 -13.80
CA THR A 48 -7.74 -7.16 -14.06
C THR A 48 -6.29 -7.37 -13.66
N PRO A 49 -5.89 -8.63 -13.40
CA PRO A 49 -4.48 -8.94 -13.21
C PRO A 49 -3.62 -8.32 -14.32
N GLN A 50 -4.10 -8.37 -15.57
CA GLN A 50 -3.36 -7.83 -16.76
C GLN A 50 -3.14 -6.34 -16.52
N ASP A 51 -4.18 -5.63 -16.09
CA ASP A 51 -4.08 -4.17 -15.86
C ASP A 51 -3.05 -3.92 -14.75
N LEU A 52 -3.06 -4.74 -13.69
CA LEU A 52 -2.14 -4.57 -12.55
C LEU A 52 -0.71 -4.76 -13.05
N ASN A 53 -0.44 -5.81 -13.87
CA ASN A 53 0.89 -6.03 -14.51
C ASN A 53 1.24 -4.83 -15.40
N THR A 54 0.25 -4.32 -16.14
CA THR A 54 0.48 -3.17 -17.05
C THR A 54 1.00 -2.01 -16.21
N MET A 55 0.35 -1.67 -15.11
CA MET A 55 0.76 -0.47 -14.33
C MET A 55 2.16 -0.70 -13.74
N LEU A 56 2.43 -1.89 -13.21
CA LEU A 56 3.78 -2.18 -12.67
C LEU A 56 4.79 -2.16 -13.83
N ASN A 57 4.46 -2.72 -15.01
CA ASN A 57 5.45 -2.83 -16.12
C ASN A 57 5.81 -1.45 -16.67
N THR A 58 4.89 -0.48 -16.58
CA THR A 58 5.06 0.85 -17.22
C THR A 58 6.10 1.66 -16.44
N VAL A 59 6.45 1.21 -15.24
CA VAL A 59 7.46 1.85 -14.35
C VAL A 59 8.86 1.49 -14.87
N GLY A 60 9.66 2.51 -15.20
CA GLY A 60 11.01 2.36 -15.78
C GLY A 60 12.07 2.24 -14.72
N GLY A 61 11.93 2.90 -13.58
CA GLY A 61 12.97 2.75 -12.55
C GLY A 61 12.58 1.70 -11.52
N HIS A 62 13.27 1.75 -10.39
CA HIS A 62 12.89 1.06 -9.14
C HIS A 62 12.84 -0.45 -9.40
N GLN A 63 13.77 -0.97 -10.20
CA GLN A 63 13.72 -2.39 -10.64
C GLN A 63 14.17 -3.30 -9.48
N ALA A 64 14.87 -2.79 -8.46
CA ALA A 64 15.16 -3.58 -7.25
C ALA A 64 13.85 -3.82 -6.50
N ALA A 65 13.06 -2.76 -6.30
CA ALA A 65 11.68 -2.83 -5.74
C ALA A 65 10.83 -3.81 -6.57
N MET A 66 10.80 -3.68 -7.91
CA MET A 66 9.96 -4.55 -8.78
C MET A 66 10.39 -6.00 -8.59
N GLN A 67 11.68 -6.23 -8.36
CA GLN A 67 12.21 -7.62 -8.19
C GLN A 67 11.86 -8.14 -6.77
N MET A 68 11.94 -7.30 -5.73
CA MET A 68 11.47 -7.72 -4.38
C MET A 68 9.98 -8.00 -4.49
N LEU A 69 9.28 -7.20 -5.29
CA LEU A 69 7.83 -7.30 -5.41
C LEU A 69 7.46 -8.69 -5.94
N LYS A 70 8.14 -9.12 -7.01
CA LYS A 70 7.95 -10.46 -7.62
C LYS A 70 8.19 -11.55 -6.55
N GLU A 71 9.18 -11.37 -5.68
CA GLU A 71 9.44 -12.37 -4.60
C GLU A 71 8.21 -12.47 -3.70
N THR A 72 7.63 -11.32 -3.32
CA THR A 72 6.42 -11.28 -2.46
C THR A 72 5.27 -12.00 -3.18
N ILE A 73 5.14 -11.75 -4.49
CA ILE A 73 4.03 -12.32 -5.30
C ILE A 73 4.20 -13.85 -5.37
N ASN A 74 5.40 -14.37 -5.60
CA ASN A 74 5.64 -15.85 -5.59
C ASN A 74 5.29 -16.48 -4.24
N GLU A 75 5.70 -15.86 -3.11
CA GLU A 75 5.38 -16.38 -1.76
C GLU A 75 3.85 -16.51 -1.66
N GLU A 76 3.11 -15.46 -2.06
CA GLU A 76 1.62 -15.40 -1.94
C GLU A 76 1.00 -16.39 -2.90
N ALA A 77 1.53 -16.47 -4.12
CA ALA A 77 1.12 -17.45 -5.15
C ALA A 77 1.22 -18.85 -4.54
N ALA A 78 2.39 -19.18 -3.96
CA ALA A 78 2.64 -20.50 -3.36
C ALA A 78 1.62 -20.77 -2.23
N GLU A 79 1.30 -19.78 -1.40
CA GLU A 79 0.31 -19.97 -0.29
C GLU A 79 -1.11 -20.13 -0.87
N TRP A 80 -1.46 -19.39 -1.92
CA TRP A 80 -2.71 -19.65 -2.67
C TRP A 80 -2.75 -21.11 -3.14
N ASP A 81 -1.68 -21.59 -3.75
CA ASP A 81 -1.66 -22.97 -4.31
C ASP A 81 -1.76 -23.95 -3.14
N ARG A 82 -1.10 -23.67 -2.02
CA ARG A 82 -1.14 -24.59 -0.85
C ARG A 82 -2.58 -24.69 -0.37
N LEU A 83 -3.32 -23.58 -0.39
CA LEU A 83 -4.69 -23.47 0.18
C LEU A 83 -5.75 -23.95 -0.83
N HIS A 84 -5.57 -23.68 -2.12
CA HIS A 84 -6.56 -24.00 -3.19
C HIS A 84 -5.87 -24.76 -4.31
N PRO A 85 -5.50 -26.03 -4.08
CA PRO A 85 -4.96 -26.85 -5.17
C PRO A 85 -6.04 -27.07 -6.25
N VAL A 86 -5.60 -27.13 -7.51
CA VAL A 86 -6.46 -27.30 -8.72
C VAL A 86 -6.23 -28.72 -9.23
N HIS A 87 -7.28 -29.44 -9.62
CA HIS A 87 -7.16 -30.80 -10.22
C HIS A 87 -6.39 -30.68 -11.55
N ALA A 88 -5.56 -31.67 -11.85
CA ALA A 88 -4.52 -31.60 -12.91
C ALA A 88 -5.08 -32.06 -14.26
N GLY A 89 -6.30 -32.64 -14.30
CA GLY A 89 -6.93 -33.19 -15.51
C GLY A 89 -7.14 -32.12 -16.59
N PRO A 90 -7.52 -32.53 -17.84
CA PRO A 90 -7.92 -31.56 -18.87
C PRO A 90 -9.28 -30.94 -18.51
N ILE A 91 -9.53 -29.72 -18.97
CA ILE A 91 -10.73 -28.95 -18.52
C ILE A 91 -11.98 -29.49 -19.23
N ALA A 92 -13.13 -29.38 -18.58
CA ALA A 92 -14.48 -29.62 -19.15
C ALA A 92 -14.68 -28.65 -20.32
N PRO A 93 -14.95 -29.16 -21.54
CA PRO A 93 -15.19 -28.29 -22.71
C PRO A 93 -16.09 -27.09 -22.40
N GLY A 94 -15.59 -25.88 -22.68
CA GLY A 94 -16.33 -24.60 -22.51
C GLY A 94 -16.68 -24.31 -21.06
N GLN A 95 -15.93 -24.86 -20.09
CA GLN A 95 -16.20 -24.63 -18.65
C GLN A 95 -15.06 -23.82 -18.02
N MET A 96 -15.37 -23.13 -16.92
CA MET A 96 -14.40 -22.29 -16.19
C MET A 96 -13.41 -23.19 -15.43
N ARG A 97 -12.13 -23.13 -15.78
CA ARG A 97 -11.05 -23.78 -14.99
C ARG A 97 -10.86 -22.99 -13.68
N GLU A 98 -10.36 -23.64 -12.63
CA GLU A 98 -10.01 -22.95 -11.36
C GLU A 98 -8.66 -22.26 -11.53
N PRO A 99 -8.52 -21.01 -11.01
CA PRO A 99 -7.28 -20.25 -11.10
C PRO A 99 -6.23 -20.73 -10.09
N ARG A 100 -4.98 -20.76 -10.54
CA ARG A 100 -3.77 -20.99 -9.70
C ARG A 100 -3.17 -19.64 -9.30
N GLY A 101 -2.20 -19.64 -8.38
CA GLY A 101 -1.40 -18.46 -8.00
C GLY A 101 -0.94 -17.68 -9.22
N SER A 102 -0.37 -18.38 -10.20
CA SER A 102 0.23 -17.78 -11.42
C SER A 102 -0.87 -17.25 -12.34
N ASP A 103 -2.08 -17.81 -12.24
CA ASP A 103 -3.25 -17.33 -13.02
C ASP A 103 -3.72 -16.01 -12.40
N ILE A 104 -3.76 -15.94 -11.06
CA ILE A 104 -4.11 -14.67 -10.34
C ILE A 104 -3.09 -13.57 -10.63
N ALA A 105 -1.79 -13.90 -10.67
CA ALA A 105 -0.67 -12.96 -10.93
C ALA A 105 -0.56 -12.66 -12.43
N GLY A 106 -1.37 -13.34 -13.24
CA GLY A 106 -1.58 -12.98 -14.65
C GLY A 106 -0.44 -13.45 -15.52
N THR A 107 0.40 -14.34 -15.03
CA THR A 107 1.56 -14.90 -15.78
C THR A 107 1.10 -16.09 -16.64
N THR A 108 0.03 -16.79 -16.23
CA THR A 108 -0.43 -18.05 -16.86
C THR A 108 -1.91 -17.98 -17.25
N SER A 109 -2.54 -16.82 -17.12
CA SER A 109 -3.98 -16.60 -17.43
C SER A 109 -4.08 -15.62 -18.59
N THR A 110 -5.09 -15.78 -19.45
CA THR A 110 -5.44 -14.82 -20.52
C THR A 110 -6.38 -13.77 -19.95
N LEU A 111 -6.50 -12.64 -20.63
CA LEU A 111 -7.51 -11.60 -20.31
C LEU A 111 -8.91 -12.21 -20.27
N GLN A 112 -9.25 -13.08 -21.24
CA GLN A 112 -10.59 -13.71 -21.31
C GLN A 112 -10.85 -14.55 -20.06
N GLU A 113 -9.86 -15.32 -19.60
CA GLU A 113 -9.99 -16.13 -18.37
C GLU A 113 -10.24 -15.21 -17.19
N GLN A 114 -9.40 -14.18 -17.08
CA GLN A 114 -9.50 -13.13 -16.04
C GLN A 114 -10.90 -12.49 -16.06
N ILE A 115 -11.42 -12.16 -17.23
CA ILE A 115 -12.78 -11.58 -17.35
C ILE A 115 -13.79 -12.61 -16.82
N GLY A 116 -13.69 -13.84 -17.28
CA GLY A 116 -14.58 -14.95 -16.89
C GLY A 116 -14.69 -15.08 -15.39
N TRP A 117 -13.56 -15.06 -14.68
CA TRP A 117 -13.48 -15.20 -13.20
C TRP A 117 -14.14 -14.00 -12.52
N MET A 118 -13.78 -12.81 -12.96
CA MET A 118 -14.12 -11.57 -12.24
C MET A 118 -15.59 -11.25 -12.49
N THR A 119 -16.19 -11.80 -13.55
CA THR A 119 -17.61 -11.57 -13.95
C THR A 119 -18.46 -12.82 -13.72
N HIS A 120 -17.90 -13.93 -13.22
CA HIS A 120 -18.69 -15.11 -12.76
C HIS A 120 -19.70 -14.68 -11.69
N ASN A 121 -20.76 -15.47 -11.49
CA ASN A 121 -21.75 -15.28 -10.40
C ASN A 121 -21.70 -16.48 -9.46
N PRO A 122 -21.11 -16.34 -8.25
CA PRO A 122 -20.52 -15.08 -7.80
C PRO A 122 -19.15 -14.86 -8.43
N PRO A 123 -18.59 -13.63 -8.42
CA PRO A 123 -17.24 -13.39 -8.92
C PRO A 123 -16.15 -14.21 -8.21
N ILE A 124 -15.17 -14.70 -8.96
CA ILE A 124 -13.85 -15.10 -8.39
C ILE A 124 -12.94 -13.91 -8.57
N PRO A 125 -12.72 -13.11 -7.51
CA PRO A 125 -12.23 -11.73 -7.68
C PRO A 125 -10.70 -11.66 -7.79
N VAL A 126 -10.17 -12.18 -8.89
CA VAL A 126 -8.71 -12.37 -9.10
C VAL A 126 -7.99 -11.01 -9.12
N GLY A 127 -8.63 -9.98 -9.68
CA GLY A 127 -8.16 -8.58 -9.62
C GLY A 127 -7.88 -8.17 -8.19
N GLU A 128 -8.84 -8.36 -7.29
CA GLU A 128 -8.72 -7.91 -5.88
C GLU A 128 -7.75 -8.82 -5.14
N ILE A 129 -7.70 -10.11 -5.45
CA ILE A 129 -6.78 -11.05 -4.77
C ILE A 129 -5.35 -10.60 -5.10
N TYR A 130 -5.08 -10.26 -6.36
CA TYR A 130 -3.72 -9.92 -6.83
C TYR A 130 -3.32 -8.55 -6.28
N LYS A 131 -4.24 -7.57 -6.30
CA LYS A 131 -4.01 -6.23 -5.73
C LYS A 131 -3.59 -6.37 -4.26
N ARG A 132 -4.17 -7.31 -3.54
CA ARG A 132 -3.80 -7.54 -2.11
C ARG A 132 -2.35 -7.99 -2.05
N TRP A 133 -1.96 -8.96 -2.88
CA TRP A 133 -0.58 -9.49 -2.87
C TRP A 133 0.36 -8.33 -3.12
N ILE A 134 0.08 -7.53 -4.16
CA ILE A 134 0.94 -6.43 -4.67
C ILE A 134 1.07 -5.40 -3.56
N ILE A 135 -0.02 -5.03 -2.92
CA ILE A 135 0.00 -3.96 -1.89
C ILE A 135 0.80 -4.45 -0.67
N LEU A 136 0.63 -5.71 -0.29
CA LEU A 136 1.48 -6.34 0.75
C LEU A 136 2.95 -6.19 0.34
N GLY A 137 3.27 -6.37 -0.95
CA GLY A 137 4.65 -6.30 -1.46
C GLY A 137 5.17 -4.88 -1.45
N LEU A 138 4.31 -3.95 -1.84
CA LEU A 138 4.63 -2.51 -1.92
C LEU A 138 4.88 -1.95 -0.51
N ASN A 139 4.16 -2.44 0.51
CA ASN A 139 4.29 -1.98 1.93
C ASN A 139 5.65 -2.39 2.50
N LYS A 140 6.11 -3.61 2.20
CA LYS A 140 7.46 -4.09 2.59
C LYS A 140 8.52 -3.12 2.04
N ILE A 141 8.33 -2.66 0.81
CA ILE A 141 9.26 -1.78 0.06
C ILE A 141 9.22 -0.39 0.70
N VAL A 142 8.01 0.14 0.96
CA VAL A 142 7.84 1.45 1.66
C VAL A 142 8.71 1.46 2.92
N ARG A 143 8.56 0.43 3.76
CA ARG A 143 9.29 0.26 5.05
C ARG A 143 10.77 0.15 4.74
N MET A 144 11.14 -0.70 3.80
CA MET A 144 12.53 -0.85 3.36
C MET A 144 13.11 0.53 3.04
N TYR A 145 12.39 1.36 2.30
CA TYR A 145 12.93 2.62 1.70
C TYR A 145 12.69 3.81 2.64
N SER A 146 11.88 3.66 3.69
CA SER A 146 11.86 4.61 4.85
C SER A 146 13.30 4.84 5.30
N PRO A 147 13.84 6.07 5.11
CA PRO A 147 15.24 6.34 5.41
C PRO A 147 15.58 6.57 6.89
N THR A 148 14.59 6.87 7.75
CA THR A 148 14.81 7.43 9.10
C THR A 148 13.99 6.68 10.17
N SER A 149 14.67 6.24 11.23
CA SER A 149 14.06 5.66 12.44
C SER A 149 13.28 6.78 13.13
N ILE A 150 12.14 6.44 13.72
CA ILE A 150 11.34 7.38 14.55
C ILE A 150 12.23 7.95 15.67
N LEU A 151 13.24 7.19 16.09
CA LEU A 151 14.10 7.50 17.26
C LEU A 151 15.00 8.70 16.96
N ASP A 152 15.26 8.98 15.67
CA ASP A 152 16.07 10.16 15.24
C ASP A 152 15.13 11.32 14.84
N ILE A 153 13.81 11.15 14.95
CA ILE A 153 12.88 12.31 14.76
C ILE A 153 12.74 13.00 16.12
N ARG A 154 13.47 14.10 16.29
CA ARG A 154 13.48 14.90 17.54
C ARG A 154 13.30 16.36 17.14
N GLN A 155 12.52 17.11 17.92
CA GLN A 155 12.19 18.52 17.62
C GLN A 155 13.45 19.39 17.77
N GLY A 156 13.74 20.22 16.77
CA GLY A 156 14.86 21.15 16.81
C GLY A 156 14.61 22.26 17.83
N PRO A 157 15.67 22.83 18.43
CA PRO A 157 15.52 23.93 19.38
C PRO A 157 14.54 25.01 18.89
N LYS A 158 14.60 25.34 17.59
CA LYS A 158 13.84 26.47 17.00
C LYS A 158 12.79 25.96 16.00
N GLU A 159 12.49 24.66 16.02
CA GLU A 159 11.55 24.03 15.06
C GLU A 159 10.15 24.12 15.64
N PRO A 160 9.20 24.72 14.88
CA PRO A 160 7.80 24.71 15.29
C PRO A 160 7.33 23.28 15.62
N PHE A 161 6.62 23.15 16.74
CA PHE A 161 6.11 21.86 17.21
C PHE A 161 5.32 21.20 16.07
N ARG A 162 4.52 21.98 15.33
CA ARG A 162 3.68 21.43 14.23
C ARG A 162 4.56 20.74 13.19
N ASP A 163 5.70 21.35 12.85
CA ASP A 163 6.63 20.81 11.80
C ASP A 163 7.24 19.51 12.33
N TYR A 164 7.62 19.48 13.62
CA TYR A 164 8.17 18.28 14.29
C TYR A 164 7.13 17.15 14.23
N VAL A 165 5.88 17.44 14.59
CA VAL A 165 4.81 16.41 14.61
C VAL A 165 4.60 15.87 13.19
N ASP A 166 4.68 16.75 12.18
CA ASP A 166 4.57 16.37 10.74
C ASP A 166 5.67 15.36 10.38
N ARG A 167 6.92 15.67 10.71
CA ARG A 167 8.06 14.75 10.47
C ARG A 167 7.83 13.45 11.24
N PHE A 168 7.39 13.57 12.49
CA PHE A 168 7.22 12.42 13.40
C PHE A 168 6.26 11.46 12.73
N TYR A 169 5.07 11.94 12.34
CA TYR A 169 3.96 11.07 11.92
C TYR A 169 4.16 10.64 10.47
N LYS A 170 4.99 11.36 9.71
CA LYS A 170 5.39 10.96 8.35
C LYS A 170 6.31 9.74 8.46
N THR A 171 7.34 9.87 9.29
CA THR A 171 8.30 8.79 9.62
C THR A 171 7.50 7.56 10.09
N LEU A 172 6.60 7.72 11.05
CA LEU A 172 5.82 6.59 11.64
C LEU A 172 5.02 5.88 10.55
N ARG A 173 4.49 6.65 9.59
CA ARG A 173 3.71 6.10 8.45
C ARG A 173 4.65 5.24 7.58
N ALA A 174 5.84 5.72 7.23
CA ALA A 174 6.76 4.95 6.35
C ALA A 174 7.21 3.66 7.07
N GLU A 175 7.59 3.78 8.35
CA GLU A 175 7.97 2.67 9.28
C GLU A 175 6.74 1.78 9.54
N GLN A 176 5.52 2.21 9.19
CA GLN A 176 4.27 1.42 9.19
C GLN A 176 3.91 0.91 10.58
N ALA A 177 4.14 1.72 11.64
CA ALA A 177 3.55 1.49 12.98
C ALA A 177 2.02 1.49 12.83
N SER A 178 1.31 0.53 13.42
CA SER A 178 -0.17 0.42 13.32
C SER A 178 -0.83 1.63 14.00
N GLN A 179 -2.16 1.76 13.90
CA GLN A 179 -2.91 2.91 14.47
C GLN A 179 -2.79 2.92 16.00
N GLU A 180 -2.81 1.74 16.62
CA GLU A 180 -2.67 1.58 18.09
C GLU A 180 -1.36 2.26 18.54
N VAL A 181 -0.28 2.08 17.77
CA VAL A 181 1.08 2.60 18.10
C VAL A 181 1.16 4.08 17.67
N LYS A 182 0.30 4.53 16.76
CA LYS A 182 0.22 5.96 16.35
C LYS A 182 -0.48 6.78 17.45
N ASN A 183 -1.63 6.31 17.93
CA ASN A 183 -2.40 6.97 19.02
C ASN A 183 -1.67 6.83 20.38
N ALA A 184 -0.82 5.81 20.57
CA ALA A 184 -0.10 5.52 21.84
C ALA A 184 1.17 6.38 21.94
N ALA A 185 1.99 6.43 20.86
CA ALA A 185 3.23 7.25 20.77
C ALA A 185 2.94 8.68 21.18
N THR A 186 1.67 9.10 21.06
CA THR A 186 1.16 10.46 21.37
C THR A 186 1.61 10.86 22.78
N GLU A 187 1.41 9.99 23.79
CA GLU A 187 1.70 10.29 25.22
C GLU A 187 3.11 9.83 25.62
N THR A 188 3.97 9.39 24.70
CA THR A 188 5.31 8.88 25.08
C THR A 188 6.40 9.47 24.19
N LEU A 189 6.66 8.81 23.07
CA LEU A 189 7.82 9.15 22.20
C LEU A 189 7.63 10.57 21.66
N LEU A 190 6.42 10.98 21.28
CA LEU A 190 6.23 12.35 20.74
C LEU A 190 6.73 13.37 21.77
N VAL A 191 6.41 13.14 23.04
CA VAL A 191 6.80 14.05 24.16
C VAL A 191 8.30 13.87 24.42
N GLN A 192 8.81 12.64 24.53
CA GLN A 192 10.25 12.45 24.86
C GLN A 192 11.10 13.14 23.76
N ASN A 193 10.64 13.12 22.52
CA ASN A 193 11.42 13.62 21.36
C ASN A 193 11.21 15.13 21.19
N ALA A 194 10.31 15.76 21.97
CA ALA A 194 10.05 17.22 21.91
C ALA A 194 11.27 17.97 22.45
N ASN A 195 11.42 19.25 22.13
CA ASN A 195 12.54 20.06 22.68
C ASN A 195 12.23 20.41 24.13
N PRO A 196 13.25 20.79 24.94
CA PRO A 196 13.07 21.00 26.38
C PRO A 196 11.89 21.91 26.78
N ASP A 197 11.78 23.05 26.11
CA ASP A 197 10.70 24.04 26.33
C ASP A 197 9.33 23.38 26.17
N CYS A 198 9.06 22.81 25.00
N CYS A 198 9.06 22.80 24.99
CA CYS A 198 7.77 22.13 24.68
CA CYS A 198 7.79 22.12 24.65
C CYS A 198 7.59 20.93 25.63
C CYS A 198 7.60 20.93 25.61
N LYS A 199 8.63 20.12 25.82
CA LYS A 199 8.55 18.94 26.73
C LYS A 199 8.02 19.35 28.11
N THR A 200 8.58 20.42 28.67
CA THR A 200 8.12 21.03 29.95
C THR A 200 6.62 21.34 29.85
N ILE A 201 6.19 22.04 28.80
CA ILE A 201 4.73 22.35 28.61
C ILE A 201 3.94 21.04 28.53
N LEU A 202 4.43 20.04 27.79
CA LEU A 202 3.64 18.81 27.54
C LEU A 202 3.57 17.98 28.82
N LYS A 203 4.67 17.87 29.57
CA LYS A 203 4.70 17.20 30.91
C LYS A 203 3.61 17.81 31.79
N ALA A 204 3.53 19.14 31.83
CA ALA A 204 2.56 19.92 32.66
C ALA A 204 1.12 19.57 32.28
N LEU A 205 0.82 19.29 31.00
CA LEU A 205 -0.56 19.06 30.52
C LEU A 205 -1.16 17.88 31.29
N GLY A 206 -0.34 16.90 31.62
CA GLY A 206 -0.77 15.60 32.19
C GLY A 206 -1.10 14.63 31.06
N PRO A 207 -1.46 13.37 31.41
CA PRO A 207 -1.76 12.36 30.41
C PRO A 207 -3.23 12.53 29.97
N GLY A 208 -3.58 11.95 28.83
CA GLY A 208 -4.93 12.01 28.25
C GLY A 208 -5.13 13.30 27.47
N ALA A 209 -4.02 14.01 27.19
CA ALA A 209 -4.01 15.20 26.32
C ALA A 209 -4.17 14.75 24.87
N THR A 210 -5.16 15.29 24.14
CA THR A 210 -5.32 15.07 22.68
C THR A 210 -4.09 15.67 21.97
N LEU A 211 -3.81 15.22 20.76
CA LEU A 211 -2.76 15.82 19.91
C LEU A 211 -3.12 17.28 19.62
N GLU A 212 -4.42 17.59 19.46
CA GLU A 212 -4.93 18.99 19.30
C GLU A 212 -4.47 19.83 20.49
N GLU A 213 -4.65 19.30 21.70
CA GLU A 213 -4.30 19.98 22.98
C GLU A 213 -2.78 20.19 23.07
N MET A 214 -2.00 19.17 22.72
CA MET A 214 -0.51 19.23 22.76
C MET A 214 -0.03 20.30 21.77
N MET A 215 -0.62 20.30 20.59
CA MET A 215 -0.12 21.15 19.49
C MET A 215 -0.49 22.60 19.82
N THR A 216 -1.68 22.82 20.39
CA THR A 216 -2.13 24.15 20.88
C THR A 216 -1.17 24.60 22.00
N ALA A 217 -0.88 23.71 22.95
CA ALA A 217 -0.05 23.97 24.15
C ALA A 217 1.36 24.43 23.77
N CYS A 218 1.97 23.84 22.74
N CYS A 218 1.94 23.86 22.71
CA CYS A 218 3.34 24.20 22.26
CA CYS A 218 3.31 24.20 22.23
C CYS A 218 3.23 25.27 21.16
C CYS A 218 3.21 25.28 21.14
N GLN A 219 2.31 26.23 21.35
CA GLN A 219 2.19 27.50 20.57
C GLN A 219 1.61 27.15 19.20
#